data_4Q8K
#
_entry.id   4Q8K
#
_cell.length_a   46.361
_cell.length_b   46.361
_cell.length_c   386.726
_cell.angle_alpha   90.00
_cell.angle_beta   90.00
_cell.angle_gamma   120.00
#
_symmetry.space_group_name_H-M   'P 61 2 2'
#
loop_
_entity.id
_entity.type
_entity.pdbx_description
1 polymer Alginase
2 non-polymer 'CALCIUM ION'
3 non-polymer 'SULFATE ION'
4 water water
#
_entity_poly.entity_id   1
_entity_poly.type   'polypeptide(L)'
_entity_poly.pdbx_seq_one_letter_code
;ATINNAGFESGFSNWNETDPAAISSDAYSGSKSLKIQGSPARVYQVVDIQPNTEYTLSAYVLGKGQIGVNDLNGLFKNQT
FNVSSWTKVTKTFTSANTNSLQVFAKHYNNTSDVRFDNFSLIEGSGSNDGGSDGGSDNSNGSTIPSSITSGSIFDLEGDN
PNPLVDDSTLVFVPLEAQHITPNGNGWRHEYKVKESLRVAMTQTYEVFEATVKVEMSDGGKTIISQHHASDTGTISKVYV
SDTDESGFNDSVANNGIFDVYVRLRNTSGNEEKFALGTMTSGETFNLRVVNNYGDVEVTAFGNSFGIPVEDDSQSYFKFG
NYLQSQDPYTLDKCGEAGNSNSFKNCFEDLGITESKVTMTNVSYTRETNHHHHHH
;
_entity_poly.pdbx_strand_id   A
#
loop_
_chem_comp.id
_chem_comp.type
_chem_comp.name
_chem_comp.formula
CA non-polymer 'CALCIUM ION' 'Ca 2'
SO4 non-polymer 'SULFATE ION' 'O4 S -2'
#
# COMPACT_ATOMS: atom_id res chain seq x y z
N THR A 143 -19.81 5.19 -6.83
CA THR A 143 -18.82 5.69 -7.75
C THR A 143 -17.55 6.14 -7.07
N ILE A 144 -16.44 5.93 -7.72
CA ILE A 144 -15.15 6.38 -7.19
C ILE A 144 -15.16 7.89 -6.92
N PRO A 145 -14.79 8.30 -5.72
CA PRO A 145 -14.78 9.72 -5.38
C PRO A 145 -14.06 10.57 -6.42
N SER A 146 -14.56 11.77 -6.65
CA SER A 146 -13.95 12.68 -7.59
C SER A 146 -12.55 13.14 -7.15
N SER A 147 -12.30 13.22 -5.87
CA SER A 147 -10.97 13.59 -5.40
C SER A 147 -9.88 12.72 -6.02
N ILE A 148 -10.25 11.48 -6.34
CA ILE A 148 -9.35 10.55 -6.99
C ILE A 148 -9.40 10.67 -8.50
N THR A 149 -10.60 10.51 -9.05
CA THR A 149 -10.78 10.43 -10.50
C THR A 149 -10.39 11.72 -11.23
N SER A 150 -10.54 12.86 -10.57
CA SER A 150 -10.32 14.16 -11.19
C SER A 150 -8.94 14.74 -10.87
N GLY A 151 -8.25 14.13 -9.91
CA GLY A 151 -6.95 14.63 -9.50
C GLY A 151 -6.99 15.83 -8.56
N SER A 152 -8.16 16.16 -8.03
CA SER A 152 -8.24 17.34 -7.15
C SER A 152 -7.41 17.16 -5.88
N ILE A 153 -7.28 15.92 -5.42
CA ILE A 153 -6.47 15.62 -4.25
C ILE A 153 -5.28 14.71 -4.61
N PHE A 154 -5.56 13.67 -5.40
CA PHE A 154 -4.56 12.63 -5.70
C PHE A 154 -3.89 12.78 -7.05
N ASP A 155 -2.57 12.56 -7.05
CA ASP A 155 -1.76 12.44 -8.28
C ASP A 155 -1.57 10.97 -8.61
N LEU A 156 -1.56 10.64 -9.89
CA LEU A 156 -1.41 9.24 -10.31
C LEU A 156 0.05 8.87 -10.58
N GLU A 157 0.45 7.69 -10.10
CA GLU A 157 1.77 7.14 -10.37
C GLU A 157 1.56 5.88 -11.18
N GLY A 158 1.91 5.93 -12.47
CA GLY A 158 1.64 4.85 -13.38
C GLY A 158 0.44 5.18 -14.25
N ASP A 159 0.70 5.85 -15.35
CA ASP A 159 -0.33 6.40 -16.19
C ASP A 159 -1.11 5.36 -16.96
N ASN A 160 -0.43 4.30 -17.35
CA ASN A 160 -1.09 3.29 -18.13
C ASN A 160 -0.87 1.87 -17.68
N PRO A 161 -1.94 1.14 -17.52
CA PRO A 161 -3.28 1.67 -17.81
C PRO A 161 -3.82 2.49 -16.64
N ASN A 162 -4.80 3.33 -16.91
CA ASN A 162 -5.44 4.10 -15.84
C ASN A 162 -6.19 3.15 -14.91
N PRO A 163 -6.13 3.42 -13.61
CA PRO A 163 -6.79 2.55 -12.62
C PRO A 163 -8.31 2.51 -12.76
N LEU A 164 -8.91 3.59 -13.25
CA LEU A 164 -10.37 3.67 -13.35
C LEU A 164 -10.87 2.87 -14.56
N VAL A 165 -11.30 1.63 -14.32
CA VAL A 165 -11.73 0.74 -15.42
C VAL A 165 -13.24 0.85 -15.67
N ASP A 166 -13.96 1.40 -14.70
CA ASP A 166 -15.32 1.86 -14.90
C ASP A 166 -15.59 2.85 -13.76
N ASP A 167 -16.72 3.54 -13.78
CA ASP A 167 -16.90 4.65 -12.85
C ASP A 167 -16.86 4.27 -11.38
N SER A 168 -16.93 2.98 -11.10
CA SER A 168 -17.01 2.47 -9.74
C SER A 168 -15.86 1.52 -9.33
N THR A 169 -14.84 1.38 -10.15
CA THR A 169 -13.79 0.40 -9.90
C THR A 169 -12.38 0.93 -10.17
N LEU A 170 -11.47 0.69 -9.24
CA LEU A 170 -10.06 0.97 -9.45
C LEU A 170 -9.27 -0.34 -9.51
N VAL A 171 -8.46 -0.48 -10.56
CA VAL A 171 -7.63 -1.68 -10.70
C VAL A 171 -6.17 -1.28 -10.78
N PHE A 172 -5.37 -1.75 -9.83
CA PHE A 172 -3.95 -1.40 -9.78
C PHE A 172 -3.10 -2.59 -10.19
N VAL A 173 -2.37 -2.42 -11.29
CA VAL A 173 -1.62 -3.52 -11.90
C VAL A 173 -0.19 -3.06 -12.19
N PRO A 174 0.68 -3.13 -11.18
CA PRO A 174 2.05 -2.65 -11.28
C PRO A 174 2.90 -3.45 -12.29
N LEU A 175 2.55 -4.70 -12.57
CA LEU A 175 3.27 -5.45 -13.60
C LEU A 175 3.04 -4.85 -14.98
N GLU A 176 1.97 -4.11 -15.14
CA GLU A 176 1.66 -3.40 -16.39
C GLU A 176 2.06 -1.92 -16.35
N ALA A 177 1.70 -1.24 -15.26
CA ALA A 177 2.05 0.17 -15.13
C ALA A 177 3.55 0.36 -14.94
N GLN A 178 4.17 -0.54 -14.19
CA GLN A 178 5.62 -0.59 -14.04
C GLN A 178 6.23 0.76 -13.63
N HIS A 179 5.57 1.47 -12.74
CA HIS A 179 6.06 2.79 -12.38
C HIS A 179 7.19 2.72 -11.37
N ILE A 180 8.26 3.45 -11.62
CA ILE A 180 9.38 3.52 -10.66
C ILE A 180 9.72 4.93 -10.20
N THR A 181 10.55 4.99 -9.16
CA THR A 181 11.08 6.23 -8.61
C THR A 181 12.56 6.02 -8.32
N PRO A 182 13.30 7.09 -7.99
CA PRO A 182 14.74 6.91 -7.74
C PRO A 182 15.05 5.94 -6.60
N ASN A 183 14.23 5.95 -5.56
CA ASN A 183 14.50 5.15 -4.36
C ASN A 183 13.65 3.88 -4.23
N GLY A 184 12.70 3.70 -5.14
CA GLY A 184 11.76 2.60 -5.02
C GLY A 184 12.43 1.24 -5.08
N ASN A 185 11.71 0.23 -4.67
CA ASN A 185 12.23 -1.10 -4.60
C ASN A 185 11.24 -2.07 -5.22
N GLY A 186 10.75 -1.68 -6.38
CA GLY A 186 9.80 -2.50 -7.09
C GLY A 186 9.09 -1.72 -8.17
N TRP A 187 7.88 -2.15 -8.47
CA TRP A 187 7.03 -1.47 -9.45
C TRP A 187 5.77 -1.05 -8.74
N ARG A 188 5.24 0.12 -9.09
CA ARG A 188 4.01 0.56 -8.44
C ARG A 188 2.93 1.03 -9.41
N HIS A 189 1.70 0.99 -8.93
CA HIS A 189 0.55 1.60 -9.57
C HIS A 189 -0.25 2.17 -8.41
N GLU A 190 -0.26 3.49 -8.27
CA GLU A 190 -0.58 4.10 -6.98
C GLU A 190 -1.08 5.54 -7.11
N TYR A 191 -1.92 5.95 -6.18
CA TYR A 191 -2.31 7.35 -6.07
C TYR A 191 -1.66 7.95 -4.82
N LYS A 192 -1.31 9.23 -4.88
CA LYS A 192 -0.71 9.91 -3.74
C LYS A 192 -1.30 11.30 -3.54
N VAL A 193 -1.51 11.69 -2.29
CA VAL A 193 -1.96 13.06 -2.03
C VAL A 193 -0.93 14.03 -2.63
N LYS A 194 -1.40 15.00 -3.37
CA LYS A 194 -0.50 15.90 -4.04
C LYS A 194 0.31 16.80 -3.16
N GLU A 195 1.47 17.16 -3.61
CA GLU A 195 2.42 17.90 -2.81
C GLU A 195 1.84 19.15 -2.14
N SER A 196 0.99 19.88 -2.86
CA SER A 196 0.57 21.20 -2.38
C SER A 196 -0.36 21.11 -1.18
N LEU A 197 -0.98 19.94 -0.99
CA LEU A 197 -1.94 19.77 0.09
C LEU A 197 -1.32 19.19 1.34
N ARG A 198 -0.06 18.75 1.25
CA ARG A 198 0.59 18.05 2.36
C ARG A 198 0.84 18.91 3.58
N VAL A 199 0.48 18.38 4.75
CA VAL A 199 0.75 19.01 6.02
C VAL A 199 1.18 17.95 7.00
N ALA A 200 1.31 18.31 8.28
CA ALA A 200 1.77 17.35 9.27
C ALA A 200 0.72 16.28 9.52
N MET A 201 1.16 15.10 9.96
CA MET A 201 0.21 14.05 10.33
C MET A 201 -0.77 14.58 11.39
N THR A 202 -0.24 15.37 12.31
CA THR A 202 -1.03 15.92 13.41
C THR A 202 -1.94 17.07 13.00
N GLN A 203 -1.94 17.42 11.71
CA GLN A 203 -2.77 18.53 11.25
C GLN A 203 -3.91 18.11 10.35
N THR A 204 -4.16 16.82 10.18
CA THR A 204 -5.32 16.38 9.44
C THR A 204 -6.12 15.29 10.09
N TYR A 205 -7.38 15.24 9.71
CA TYR A 205 -8.23 14.12 9.97
C TYR A 205 -8.55 13.48 8.61
N GLU A 206 -8.05 12.27 8.38
CA GLU A 206 -8.29 11.55 7.15
C GLU A 206 -8.91 10.21 7.38
N VAL A 207 -9.79 9.83 6.49
CA VAL A 207 -10.37 8.50 6.51
C VAL A 207 -10.32 7.95 5.10
N PHE A 208 -9.72 6.77 4.95
CA PHE A 208 -9.76 6.05 3.68
C PHE A 208 -10.41 4.71 3.94
N GLU A 209 -11.40 4.36 3.12
CA GLU A 209 -12.02 3.06 3.20
C GLU A 209 -12.18 2.50 1.80
N ALA A 210 -11.99 1.19 1.66
CA ALA A 210 -12.14 0.52 0.40
C ALA A 210 -12.44 -0.97 0.62
N THR A 211 -13.21 -1.52 -0.31
CA THR A 211 -13.37 -2.97 -0.44
C THR A 211 -12.26 -3.42 -1.40
N VAL A 212 -11.39 -4.30 -0.89
CA VAL A 212 -10.17 -4.65 -1.60
C VAL A 212 -10.12 -6.12 -1.99
N LYS A 213 -10.03 -6.38 -3.29
CA LYS A 213 -9.82 -7.74 -3.78
C LYS A 213 -8.38 -7.86 -4.25
N VAL A 214 -7.72 -8.95 -3.88
CA VAL A 214 -6.33 -9.13 -4.27
C VAL A 214 -6.15 -10.44 -5.02
N GLU A 215 -5.58 -10.36 -6.21
CA GLU A 215 -5.23 -11.54 -6.98
C GLU A 215 -3.74 -11.45 -7.27
N MET A 216 -2.97 -12.42 -6.76
CA MET A 216 -1.52 -12.32 -6.87
C MET A 216 -0.85 -13.69 -6.79
N SER A 217 0.22 -13.84 -7.57
CA SER A 217 1.01 -15.08 -7.56
C SER A 217 1.56 -15.42 -6.18
N ASP A 218 1.69 -16.70 -5.90
CA ASP A 218 2.35 -17.16 -4.68
C ASP A 218 3.67 -16.41 -4.47
N GLY A 219 3.90 -15.98 -3.23
CA GLY A 219 5.14 -15.35 -2.85
C GLY A 219 5.13 -13.84 -3.03
N GLY A 220 4.07 -13.31 -3.63
CA GLY A 220 3.98 -11.88 -3.87
C GLY A 220 3.89 -11.08 -2.58
N LYS A 221 4.37 -9.84 -2.61
CA LYS A 221 4.27 -8.92 -1.47
C LYS A 221 4.08 -7.49 -1.96
N THR A 222 3.01 -6.85 -1.50
CA THR A 222 2.74 -5.49 -1.94
C THR A 222 2.32 -4.61 -0.78
N ILE A 223 2.53 -3.30 -0.94
CA ILE A 223 1.99 -2.30 -0.02
C ILE A 223 0.79 -1.66 -0.71
N ILE A 224 -0.38 -1.70 -0.06
CA ILE A 224 -1.63 -1.25 -0.70
C ILE A 224 -2.12 0.09 -0.15
N SER A 225 -1.52 0.54 0.94
CA SER A 225 -1.79 1.87 1.45
C SER A 225 -0.68 2.30 2.40
N GLN A 226 -0.36 3.58 2.41
CA GLN A 226 0.69 4.06 3.30
C GLN A 226 0.65 5.56 3.53
N HIS A 227 1.08 5.97 4.70
CA HIS A 227 1.42 7.36 4.95
C HIS A 227 2.92 7.48 4.75
N HIS A 228 3.31 8.36 3.83
CA HIS A 228 4.71 8.52 3.49
C HIS A 228 5.24 9.79 4.15
N ALA A 229 6.50 9.76 4.58
CA ALA A 229 7.14 10.94 5.15
C ALA A 229 7.63 11.88 4.04
N SER A 230 8.13 13.03 4.44
CA SER A 230 8.75 13.98 3.56
C SER A 230 10.02 13.39 3.02
N ASP A 231 10.80 12.80 3.90
CA ASP A 231 12.03 12.16 3.48
C ASP A 231 11.53 10.85 2.93
N THR A 232 12.47 9.95 2.71
CA THR A 232 12.11 8.65 2.33
C THR A 232 11.37 7.80 3.34
N GLY A 233 11.18 8.34 4.54
CA GLY A 233 10.53 7.56 5.57
C GLY A 233 9.09 7.24 5.26
N THR A 234 8.61 6.29 6.01
CA THR A 234 7.19 6.00 6.04
C THR A 234 6.67 6.06 7.47
N ILE A 235 5.37 6.11 7.57
CA ILE A 235 4.72 6.37 8.84
C ILE A 235 3.70 5.29 9.11
N SER A 236 3.01 4.89 8.05
CA SER A 236 2.10 3.75 8.12
C SER A 236 2.20 2.97 6.82
N LYS A 237 2.14 1.65 6.91
CA LYS A 237 2.14 0.81 5.72
C LYS A 237 1.24 -0.39 5.94
N VAL A 238 0.38 -0.67 4.97
CA VAL A 238 -0.48 -1.84 5.02
C VAL A 238 -0.02 -2.80 3.94
N TYR A 239 0.22 -4.05 4.31
CA TYR A 239 0.80 -5.04 3.39
C TYR A 239 -0.13 -6.19 3.11
N VAL A 240 0.03 -6.74 1.91
CA VAL A 240 -0.51 -8.04 1.56
C VAL A 240 0.71 -8.86 1.10
N SER A 241 1.02 -9.92 1.83
CA SER A 241 2.38 -10.45 1.82
C SER A 241 2.43 -11.97 2.00
N ASP A 242 3.20 -12.64 1.14
CA ASP A 242 3.28 -14.10 1.19
C ASP A 242 4.71 -14.53 1.47
N THR A 243 5.27 -14.04 2.58
CA THR A 243 6.67 -14.30 2.92
C THR A 243 6.84 -15.10 4.20
N ASP A 244 8.10 -15.36 4.54
CA ASP A 244 8.45 -16.10 5.75
C ASP A 244 8.73 -15.16 6.92
N GLU A 245 8.40 -13.88 6.77
CA GLU A 245 8.62 -12.96 7.87
C GLU A 245 7.77 -13.42 9.04
N SER A 246 8.38 -13.58 10.20
CA SER A 246 7.66 -14.09 11.37
C SER A 246 6.78 -13.01 12.01
N GLY A 247 5.81 -13.45 12.81
CA GLY A 247 4.99 -12.56 13.60
C GLY A 247 3.56 -12.38 13.12
N PHE A 248 3.17 -13.09 12.08
CA PHE A 248 1.83 -12.95 11.52
C PHE A 248 1.05 -14.27 11.61
N ASN A 249 -0.20 -14.26 11.18
CA ASN A 249 -1.07 -15.45 11.29
C ASN A 249 -0.58 -16.64 10.48
N ASP A 250 -0.03 -16.38 9.28
CA ASP A 250 0.50 -17.43 8.44
C ASP A 250 2.02 -17.44 8.52
N SER A 251 2.64 -16.39 7.99
CA SER A 251 4.10 -16.22 8.04
C SER A 251 4.83 -17.38 7.36
N VAL A 252 4.17 -18.03 6.41
CA VAL A 252 4.81 -19.10 5.65
C VAL A 252 5.05 -18.64 4.21
N ALA A 253 6.31 -18.59 3.81
CA ALA A 253 6.65 -18.09 2.49
C ALA A 253 6.04 -18.90 1.35
N ASN A 254 5.50 -18.19 0.36
CA ASN A 254 5.21 -18.80 -0.93
C ASN A 254 4.18 -19.93 -0.91
N ASN A 255 3.18 -19.84 -0.03
CA ASN A 255 2.15 -20.88 0.04
C ASN A 255 0.76 -20.41 -0.42
N GLY A 256 0.69 -19.18 -0.94
CA GLY A 256 -0.56 -18.69 -1.50
C GLY A 256 -1.46 -18.06 -0.46
N ILE A 257 -1.09 -18.19 0.81
CA ILE A 257 -1.85 -17.55 1.88
C ILE A 257 -1.16 -16.24 2.24
N PHE A 258 -1.79 -15.12 1.88
CA PHE A 258 -1.17 -13.83 2.12
C PHE A 258 -1.53 -13.31 3.50
N ASP A 259 -0.52 -12.89 4.25
CA ASP A 259 -0.74 -12.17 5.49
C ASP A 259 -1.12 -10.73 5.14
N VAL A 260 -2.10 -10.21 5.86
CA VAL A 260 -2.45 -8.80 5.73
C VAL A 260 -2.12 -8.19 7.07
N TYR A 261 -1.21 -7.21 7.07
CA TYR A 261 -0.75 -6.65 8.32
C TYR A 261 -0.39 -5.20 8.13
N VAL A 262 -0.17 -4.53 9.25
CA VAL A 262 0.18 -3.13 9.22
C VAL A 262 1.46 -2.88 10.01
N ARG A 263 2.28 -1.96 9.51
CA ARG A 263 3.36 -1.42 10.33
C ARG A 263 3.09 0.04 10.54
N LEU A 264 3.19 0.47 11.79
CA LEU A 264 3.02 1.86 12.20
C LEU A 264 4.27 2.36 12.90
N ARG A 265 4.81 3.48 12.44
CA ARG A 265 6.00 4.03 13.09
C ARG A 265 5.63 4.87 14.31
N ASN A 266 6.01 4.42 15.49
CA ASN A 266 5.62 5.15 16.71
C ASN A 266 6.39 6.45 16.95
N THR A 267 6.08 7.13 18.04
CA THR A 267 6.65 8.44 18.33
C THR A 267 8.13 8.36 18.67
N SER A 268 8.61 7.16 18.97
CA SER A 268 10.03 6.93 19.22
C SER A 268 10.81 6.65 17.92
N GLY A 269 10.08 6.49 16.82
CA GLY A 269 10.71 6.25 15.53
C GLY A 269 10.80 4.78 15.20
N ASN A 270 10.20 3.93 16.03
CA ASN A 270 10.24 2.50 15.80
C ASN A 270 8.94 1.95 15.24
N GLU A 271 9.03 1.03 14.29
CA GLU A 271 7.83 0.44 13.72
C GLU A 271 7.23 -0.61 14.64
N GLU A 272 5.92 -0.54 14.81
CA GLU A 272 5.17 -1.59 15.46
C GLU A 272 4.33 -2.29 14.40
N LYS A 273 4.40 -3.62 14.37
CA LYS A 273 3.65 -4.39 13.38
C LYS A 273 2.54 -5.18 14.02
N PHE A 274 1.49 -5.44 13.24
CA PHE A 274 0.28 -6.07 13.75
C PHE A 274 -0.43 -6.84 12.66
N ALA A 275 -0.71 -8.11 12.91
CA ALA A 275 -1.43 -8.94 11.95
C ALA A 275 -2.93 -8.67 11.96
N LEU A 276 -3.49 -8.43 10.78
CA LEU A 276 -4.93 -8.16 10.65
C LEU A 276 -5.70 -9.37 10.16
N GLY A 277 -5.14 -10.12 9.22
CA GLY A 277 -5.82 -11.28 8.70
C GLY A 277 -4.99 -12.03 7.70
N THR A 278 -5.61 -13.00 7.04
CA THR A 278 -5.00 -13.72 5.92
C THR A 278 -6.03 -13.88 4.81
N MET A 279 -5.55 -14.08 3.58
CA MET A 279 -6.43 -14.27 2.45
C MET A 279 -5.74 -15.10 1.38
N THR A 280 -6.52 -15.72 0.51
CA THR A 280 -5.98 -16.35 -0.67
C THR A 280 -6.31 -15.49 -1.90
N SER A 281 -5.54 -15.69 -2.96
CA SER A 281 -5.72 -14.93 -4.18
C SER A 281 -7.16 -15.03 -4.69
N GLY A 282 -7.77 -13.88 -4.96
CA GLY A 282 -9.14 -13.84 -5.42
C GLY A 282 -10.13 -13.45 -4.34
N GLU A 283 -9.68 -13.46 -3.08
CA GLU A 283 -10.56 -13.09 -1.99
C GLU A 283 -10.62 -11.58 -1.81
N THR A 284 -11.57 -11.12 -0.99
CA THR A 284 -11.82 -9.70 -0.82
C THR A 284 -11.95 -9.38 0.66
N PHE A 285 -11.46 -8.21 1.08
CA PHE A 285 -11.62 -7.77 2.46
C PHE A 285 -11.91 -6.28 2.51
N ASN A 286 -12.30 -5.79 3.68
CA ASN A 286 -12.56 -4.37 3.85
C ASN A 286 -11.40 -3.69 4.56
N LEU A 287 -10.97 -2.57 4.00
CA LEU A 287 -9.87 -1.81 4.57
C LEU A 287 -10.32 -0.43 5.02
N ARG A 288 -10.05 -0.08 6.27
CA ARG A 288 -10.30 1.27 6.75
C ARG A 288 -9.06 1.83 7.43
N VAL A 289 -8.58 2.96 6.93
CA VAL A 289 -7.41 3.61 7.51
C VAL A 289 -7.83 5.00 7.97
N VAL A 290 -7.60 5.29 9.25
CA VAL A 290 -7.92 6.59 9.80
C VAL A 290 -6.70 7.26 10.37
N ASN A 291 -6.47 8.50 9.99
CA ASN A 291 -5.47 9.32 10.64
C ASN A 291 -6.19 10.41 11.40
N ASN A 292 -6.34 10.22 12.71
CA ASN A 292 -6.98 11.22 13.56
C ASN A 292 -5.93 12.14 14.17
N TYR A 293 -5.48 13.13 13.40
CA TYR A 293 -4.48 14.09 13.84
C TYR A 293 -3.26 13.45 14.50
N GLY A 294 -2.75 12.38 13.88
CA GLY A 294 -1.52 11.76 14.33
C GLY A 294 -1.72 10.42 14.99
N ASP A 295 -2.98 10.09 15.29
CA ASP A 295 -3.31 8.79 15.86
C ASP A 295 -3.84 7.94 14.72
N VAL A 296 -3.04 6.98 14.28
CA VAL A 296 -3.37 6.24 13.07
C VAL A 296 -3.91 4.85 13.41
N GLU A 297 -5.07 4.53 12.83
CA GLU A 297 -5.73 3.27 13.05
C GLU A 297 -6.06 2.57 11.74
N VAL A 298 -5.78 1.26 11.68
CA VAL A 298 -6.12 0.44 10.53
C VAL A 298 -7.03 -0.69 10.94
N THR A 299 -8.09 -0.91 10.16
CA THR A 299 -9.03 -1.99 10.42
C THR A 299 -9.22 -2.85 9.16
N ALA A 300 -9.11 -4.16 9.33
CA ALA A 300 -9.39 -5.10 8.26
C ALA A 300 -9.72 -6.46 8.86
N PHE A 301 -10.62 -7.19 8.21
CA PHE A 301 -11.08 -8.50 8.72
C PHE A 301 -11.68 -8.37 10.12
N GLY A 302 -12.24 -7.21 10.43
CA GLY A 302 -12.83 -6.97 11.74
C GLY A 302 -11.83 -6.70 12.86
N ASN A 303 -10.55 -6.72 12.52
CA ASN A 303 -9.47 -6.48 13.47
C ASN A 303 -8.92 -5.07 13.34
N SER A 304 -8.73 -4.41 14.47
CA SER A 304 -8.21 -3.04 14.46
C SER A 304 -6.95 -2.90 15.29
N PHE A 305 -6.05 -2.05 14.81
CA PHE A 305 -4.86 -1.66 15.56
C PHE A 305 -4.55 -0.20 15.21
N GLY A 306 -4.14 0.56 16.22
CA GLY A 306 -3.76 1.95 16.02
C GLY A 306 -2.92 2.50 17.16
N ILE A 307 -2.04 3.44 16.84
CA ILE A 307 -1.21 4.14 17.82
C ILE A 307 -0.92 5.58 17.36
N PRO A 308 -0.47 6.43 18.29
CA PRO A 308 0.07 7.72 17.84
C PRO A 308 1.33 7.44 17.04
N VAL A 309 1.55 8.19 15.96
CA VAL A 309 2.70 7.92 15.10
C VAL A 309 3.69 9.09 15.12
N GLU A 310 4.93 8.81 14.73
CA GLU A 310 5.92 9.88 14.61
C GLU A 310 5.42 10.89 13.59
N ASP A 311 5.39 12.15 13.98
CA ASP A 311 4.87 13.20 13.12
C ASP A 311 5.87 13.53 12.00
N ASP A 312 5.36 13.93 10.85
CA ASP A 312 6.19 14.46 9.77
C ASP A 312 5.44 15.64 9.19
N SER A 313 6.16 16.74 8.96
CA SER A 313 5.53 18.00 8.58
C SER A 313 4.93 18.05 7.18
N GLN A 314 5.37 17.16 6.30
CA GLN A 314 4.87 17.14 4.93
C GLN A 314 4.45 15.72 4.54
N SER A 315 3.57 15.16 5.34
CA SER A 315 3.18 13.76 5.19
C SER A 315 2.17 13.60 4.07
N TYR A 316 2.06 12.38 3.55
CA TYR A 316 1.07 12.14 2.51
C TYR A 316 0.64 10.68 2.42
N PHE A 317 -0.67 10.52 2.23
CA PHE A 317 -1.28 9.22 2.09
C PHE A 317 -1.17 8.73 0.64
N LYS A 318 -0.92 7.44 0.48
CA LYS A 318 -0.95 6.80 -0.84
C LYS A 318 -1.71 5.49 -0.76
N PHE A 319 -2.25 5.05 -1.89
CA PHE A 319 -2.90 3.74 -1.92
C PHE A 319 -2.87 3.19 -3.33
N GLY A 320 -2.97 1.87 -3.44
CA GLY A 320 -2.92 1.18 -4.72
C GLY A 320 -2.18 -0.14 -4.59
N ASN A 321 -1.18 -0.35 -5.43
CA ASN A 321 -0.48 -1.62 -5.40
C ASN A 321 0.98 -1.34 -5.69
N TYR A 322 1.78 -1.31 -4.63
CA TYR A 322 3.22 -1.11 -4.75
C TYR A 322 3.91 -2.45 -4.51
N LEU A 323 4.21 -3.14 -5.61
CA LEU A 323 4.78 -4.49 -5.58
C LEU A 323 6.26 -4.48 -5.20
N GLN A 324 6.60 -5.22 -4.15
CA GLN A 324 7.93 -5.20 -3.54
C GLN A 324 8.83 -6.23 -4.19
N SER A 325 10.02 -5.82 -4.60
CA SER A 325 10.97 -6.75 -5.22
C SER A 325 11.80 -7.42 -4.13
N GLN A 326 11.30 -8.54 -3.63
CA GLN A 326 11.88 -9.20 -2.46
C GLN A 326 11.65 -10.70 -2.51
N ASP A 327 12.67 -11.47 -2.16
CA ASP A 327 12.54 -12.92 -2.09
C ASP A 327 11.67 -13.24 -0.88
N PRO A 328 10.61 -14.05 -1.05
CA PRO A 328 9.71 -14.32 0.08
C PRO A 328 10.32 -15.27 1.13
N TYR A 329 11.31 -16.07 0.73
CA TYR A 329 11.98 -16.99 1.64
C TYR A 329 13.05 -16.32 2.49
N THR A 330 13.89 -15.52 1.85
CA THR A 330 15.06 -14.95 2.50
C THR A 330 14.86 -13.48 2.88
N LEU A 331 13.84 -12.87 2.32
CA LEU A 331 13.59 -11.45 2.53
C LEU A 331 14.66 -10.55 1.96
N ASP A 332 15.54 -11.10 1.16
CA ASP A 332 16.51 -10.27 0.47
C ASP A 332 15.85 -9.46 -0.61
N LYS A 333 16.28 -8.24 -0.74
CA LYS A 333 15.74 -7.42 -1.80
C LYS A 333 16.32 -7.87 -3.13
N CYS A 334 15.56 -7.64 -4.16
CA CYS A 334 16.01 -7.94 -5.51
C CYS A 334 15.98 -6.67 -6.39
N GLY A 335 17.00 -6.48 -7.20
CA GLY A 335 17.00 -5.42 -8.18
C GLY A 335 17.88 -4.23 -7.83
N GLU A 336 17.81 -3.19 -8.66
CA GLU A 336 18.66 -2.02 -8.53
C GLU A 336 17.80 -0.76 -8.63
N ALA A 337 17.90 0.09 -7.62
CA ALA A 337 17.12 1.32 -7.55
C ALA A 337 17.21 2.11 -8.85
N GLY A 338 16.07 2.55 -9.35
CA GLY A 338 16.02 3.35 -10.55
C GLY A 338 16.14 2.57 -11.84
N ASN A 339 16.32 1.25 -11.72
CA ASN A 339 16.52 0.40 -12.89
C ASN A 339 15.31 -0.49 -13.14
N SER A 340 14.40 -0.02 -13.99
CA SER A 340 13.14 -0.72 -14.21
C SER A 340 13.34 -2.14 -14.74
N ASN A 341 14.33 -2.31 -15.61
CA ASN A 341 14.62 -3.63 -16.16
C ASN A 341 15.06 -4.60 -15.05
N SER A 342 15.77 -4.10 -14.06
CA SER A 342 16.17 -4.95 -12.95
C SER A 342 14.95 -5.54 -12.24
N PHE A 343 13.90 -4.72 -12.07
CA PHE A 343 12.70 -5.20 -11.40
C PHE A 343 11.90 -6.14 -12.30
N LYS A 344 11.91 -5.83 -13.57
CA LYS A 344 11.38 -6.75 -14.53
C LYS A 344 11.92 -8.15 -14.33
N ASN A 345 13.22 -8.26 -14.28
CA ASN A 345 13.88 -9.56 -14.14
C ASN A 345 13.61 -10.17 -12.78
N CYS A 346 13.61 -9.33 -11.75
CA CYS A 346 13.29 -9.82 -10.41
C CYS A 346 11.91 -10.48 -10.35
N PHE A 347 10.89 -9.79 -10.86
CA PHE A 347 9.54 -10.33 -10.78
C PHE A 347 9.38 -11.59 -11.62
N GLU A 348 10.12 -11.67 -12.73
CA GLU A 348 10.11 -12.89 -13.52
C GLU A 348 10.67 -14.05 -12.71
N ASP A 349 11.83 -13.83 -12.10
CA ASP A 349 12.52 -14.88 -11.34
C ASP A 349 11.75 -15.25 -10.07
N LEU A 350 11.07 -14.26 -9.50
CA LEU A 350 10.26 -14.47 -8.30
C LEU A 350 8.96 -15.18 -8.60
N GLY A 351 8.68 -15.37 -9.89
CA GLY A 351 7.44 -15.99 -10.31
C GLY A 351 6.20 -15.13 -10.07
N ILE A 352 6.38 -13.81 -10.01
CA ILE A 352 5.23 -12.91 -9.86
C ILE A 352 4.71 -12.49 -11.23
N THR A 353 3.70 -13.20 -11.72
CA THR A 353 3.11 -12.95 -13.04
C THR A 353 1.70 -12.38 -12.92
N GLU A 354 1.20 -12.31 -11.68
CA GLU A 354 -0.11 -11.75 -11.42
C GLU A 354 -0.02 -10.90 -10.17
N SER A 355 -0.51 -9.67 -10.25
CA SER A 355 -0.63 -8.81 -9.07
C SER A 355 -1.62 -7.71 -9.35
N LYS A 356 -2.88 -7.98 -9.03
CA LYS A 356 -3.97 -7.07 -9.33
C LYS A 356 -4.73 -6.75 -8.06
N VAL A 357 -4.67 -5.49 -7.64
CA VAL A 357 -5.47 -5.01 -6.52
C VAL A 357 -6.69 -4.23 -7.05
N THR A 358 -7.88 -4.72 -6.74
CA THR A 358 -9.12 -4.09 -7.21
C THR A 358 -9.81 -3.43 -6.03
N MET A 359 -10.10 -2.14 -6.16
CA MET A 359 -10.74 -1.43 -5.06
C MET A 359 -12.09 -0.88 -5.47
N THR A 360 -13.11 -1.18 -4.66
CA THR A 360 -14.47 -0.74 -4.88
C THR A 360 -15.01 -0.14 -3.58
N ASN A 361 -16.20 0.45 -3.65
CA ASN A 361 -16.79 1.11 -2.48
C ASN A 361 -15.74 1.97 -1.79
N VAL A 362 -15.10 2.85 -2.55
CA VAL A 362 -14.01 3.63 -2.04
C VAL A 362 -14.50 4.98 -1.50
N SER A 363 -13.98 5.38 -0.34
CA SER A 363 -14.20 6.74 0.14
C SER A 363 -12.92 7.34 0.72
N TYR A 364 -12.80 8.64 0.58
CA TYR A 364 -11.70 9.35 1.16
C TYR A 364 -12.16 10.70 1.65
N THR A 365 -11.86 11.01 2.89
CA THR A 365 -12.12 12.34 3.41
C THR A 365 -10.90 12.89 4.05
N ARG A 366 -10.75 14.20 3.94
CA ARG A 366 -9.61 14.91 4.41
C ARG A 366 -10.01 16.28 4.94
N GLU A 367 -9.77 16.50 6.21
CA GLU A 367 -9.93 17.81 6.83
C GLU A 367 -8.69 18.29 7.55
N THR A 368 -8.31 19.52 7.29
CA THR A 368 -7.07 20.04 7.81
C THR A 368 -7.30 21.08 8.91
N ASN A 369 -6.33 21.21 9.81
CA ASN A 369 -6.45 22.09 10.97
C ASN A 369 -5.12 22.76 11.27
CA CA B . 1.99 -17.33 3.22
S SO4 C . 9.81 -4.33 4.95
O1 SO4 C . 8.90 -5.45 4.80
O2 SO4 C . 11.11 -4.64 4.38
O3 SO4 C . 9.21 -3.21 4.23
O4 SO4 C . 9.96 -3.98 6.36
S SO4 D . 9.64 6.79 -2.95
O1 SO4 D . 10.45 8.00 -3.06
O2 SO4 D . 9.50 6.44 -1.53
O3 SO4 D . 8.33 7.04 -3.55
O4 SO4 D . 10.30 5.70 -3.65
#